data_3F4Z
#
_entry.id   3F4Z
#
_cell.length_a   71.335
_cell.length_b   43.989
_cell.length_c   58.142
_cell.angle_alpha   90.00
_cell.angle_beta   105.40
_cell.angle_gamma   90.00
#
_symmetry.space_group_name_H-M   'C 1 2 1'
#
loop_
_entity.id
_entity.type
_entity.pdbx_description
1 polymer 'alpha/beta-peptide analogue of the HIV gp41 CHR domain'
2 non-polymer (4S)-2-METHYL-2,4-PENTANEDIOL
3 water water
#
_entity_poly.entity_id   1
_entity_poly.type   'polypeptide(L)'
_entity_poly.pdbx_seq_one_letter_code
;(ACE)(B3T)TWE(XCP)WD(XPC)AIA(B3E)YA(XCP)RIE(XCP)LI(XPC)AAQ(B3E)QQ(B3E)KNE(XCP)AL
(XPC)EL(NH2)
;
_entity_poly.pdbx_strand_id   A,B,C
#
# COMPACT_ATOMS: atom_id res chain seq x y z
N THR A 3 16.16 24.88 -9.83
CA THR A 3 16.71 23.78 -9.02
C THR A 3 15.76 23.18 -8.03
N TRP A 4 14.97 24.05 -7.41
CA TRP A 4 14.02 23.65 -6.38
C TRP A 4 12.65 23.41 -6.98
N GLU A 5 12.29 24.12 -8.06
CA GLU A 5 11.04 23.81 -8.77
C GLU A 5 11.15 22.44 -9.43
N TRP A 7 13.79 19.64 -7.72
CA TRP A 7 13.50 18.89 -6.52
C TRP A 7 12.00 18.71 -6.29
N ASP A 8 11.22 19.76 -6.39
CA ASP A 8 9.79 19.65 -6.09
C ASP A 8 9.14 18.71 -7.11
N ALA A 10 11.30 15.89 -9.06
CA ALA A 10 11.70 14.63 -8.45
C ALA A 10 10.77 14.08 -7.39
N ILE A 11 10.32 14.90 -6.46
CA ILE A 11 9.47 14.36 -5.39
CA ILE A 11 9.48 14.33 -5.41
C ILE A 11 8.10 14.01 -5.94
N ALA A 12 7.54 14.88 -6.78
CA ALA A 12 6.22 14.64 -7.29
C ALA A 12 6.16 13.45 -8.26
N TYR A 14 8.64 10.40 -7.35
CA TYR A 14 8.37 9.45 -6.28
C TYR A 14 6.91 9.33 -5.95
N ALA A 15 6.20 10.43 -5.78
CA ALA A 15 4.78 10.39 -5.38
C ALA A 15 3.91 9.72 -6.46
N ARG A 17 5.54 6.90 -8.49
CA ARG A 17 5.78 5.60 -7.93
C ARG A 17 4.87 5.19 -6.79
N ILE A 18 4.58 6.06 -5.82
CA ILE A 18 3.66 5.61 -4.76
C ILE A 18 2.25 5.35 -5.33
N GLU A 19 1.76 6.26 -6.16
CA GLU A 19 0.41 6.11 -6.73
C GLU A 19 0.22 4.91 -7.64
N LEU A 21 2.63 1.77 -6.94
CA LEU A 21 2.41 0.88 -5.81
C LEU A 21 0.97 0.75 -5.31
N ILE A 22 0.25 1.84 -5.11
CA ILE A 22 -1.08 1.76 -4.52
C ILE A 22 -2.07 1.21 -5.55
N ALA A 24 -0.75 -1.44 -8.11
CA ALA A 24 -0.42 -2.77 -7.66
C ALA A 24 -1.23 -3.29 -6.46
N ALA A 25 -1.40 -2.51 -5.39
CA ALA A 25 -2.06 -3.08 -4.21
C ALA A 25 -3.52 -3.32 -4.50
N GLN A 26 -4.15 -2.39 -5.18
CA GLN A 26 -5.59 -2.44 -5.43
C GLN A 26 -5.97 -3.42 -6.51
N GLN A 28 -3.70 -6.59 -6.64
CA GLN A 28 -3.85 -7.63 -5.62
C GLN A 28 -5.20 -7.78 -4.89
N GLN A 29 -5.76 -6.71 -4.40
CA GLN A 29 -7.02 -6.70 -3.66
C GLN A 29 -8.15 -7.17 -4.56
N LYS A 31 -7.31 -9.56 -7.54
CA LYS A 31 -6.99 -10.97 -7.29
C LYS A 31 -7.60 -11.61 -6.05
N ASN A 32 -7.62 -10.92 -4.90
CA ASN A 32 -8.18 -11.53 -3.69
C ASN A 32 -9.68 -11.81 -3.82
N GLU A 33 -10.41 -10.84 -4.39
CA GLU A 33 -11.88 -10.93 -4.57
C GLU A 33 -12.29 -11.90 -5.66
N ALA A 35 -9.87 -15.12 -5.94
CA ALA A 35 -9.90 -16.20 -4.94
C ALA A 35 -11.26 -16.38 -4.29
N LEU A 36 -11.76 -15.33 -3.63
CA LEU A 36 -13.02 -15.42 -2.88
C LEU A 36 -14.17 -15.83 -3.83
N GLU A 38 -13.53 -17.93 -7.39
CA GLU A 38 -13.19 -19.36 -7.46
C GLU A 38 -13.46 -20.17 -6.15
N LEU A 39 -14.64 -19.99 -5.56
CA LEU A 39 -15.01 -20.66 -4.30
C LEU A 39 -15.61 -22.04 -4.56
N TRP B 7 19.41 15.29 -1.37
CA TRP B 7 17.98 15.29 -1.64
C TRP B 7 17.57 13.91 -2.18
N ASP B 8 18.30 13.32 -3.15
CA ASP B 8 17.97 11.92 -3.58
C ASP B 8 18.13 10.92 -2.40
N ALA B 10 16.81 12.40 1.01
CA ALA B 10 15.38 12.60 1.25
C ALA B 10 14.44 11.57 0.64
N ILE B 11 14.59 11.28 -0.64
CA ILE B 11 13.64 10.46 -1.34
C ILE B 11 13.83 9.03 -0.97
N ALA B 12 15.09 8.63 -0.89
CA ALA B 12 15.42 7.27 -0.54
C ALA B 12 15.10 6.93 0.92
N TYR B 14 11.97 8.89 2.37
CA TYR B 14 10.58 8.53 1.97
C TYR B 14 10.33 7.11 1.60
N ALA B 15 11.13 6.55 0.68
CA ALA B 15 10.89 5.20 0.20
C ALA B 15 11.20 4.17 1.26
N ARG B 17 10.20 4.88 4.98
CA ARG B 17 8.80 4.93 5.39
C ARG B 17 7.78 4.15 4.55
N ILE B 18 7.68 4.53 3.26
CA ILE B 18 6.61 4.04 2.39
C ILE B 18 6.76 2.58 1.99
N GLU B 19 7.96 2.19 1.59
CA GLU B 19 8.14 0.84 1.06
C GLU B 19 8.46 -0.18 2.14
N LEU B 21 6.11 0.42 5.12
CA LEU B 21 4.66 0.11 5.03
C LEU B 21 4.25 -0.89 3.94
N ILE B 22 4.79 -0.77 2.75
CA ILE B 22 4.36 -1.71 1.70
C ILE B 22 4.81 -3.13 2.07
N ALA B 24 4.70 -4.16 5.79
CA ALA B 24 3.43 -4.39 6.48
C ALA B 24 2.27 -4.84 5.59
N ALA B 25 2.12 -4.27 4.40
CA ALA B 25 0.94 -4.68 3.56
C ALA B 25 1.08 -6.08 2.99
N GLN B 26 2.30 -6.43 2.58
CA GLN B 26 2.54 -7.74 1.95
C GLN B 26 2.57 -8.88 2.99
N GLN B 28 0.17 -8.41 6.00
CA GLN B 28 -1.26 -8.60 5.82
C GLN B 28 -1.66 -9.48 4.66
N GLN B 29 -1.04 -9.35 3.50
CA GLN B 29 -1.44 -10.18 2.35
C GLN B 29 -1.11 -11.67 2.59
N LYS B 31 -1.33 -12.96 6.20
CA LYS B 31 -2.64 -13.15 6.81
C LYS B 31 -3.79 -13.48 5.88
N ASN B 32 -3.96 -12.80 4.75
CA ASN B 32 -5.09 -13.06 3.87
C ASN B 32 -4.97 -14.41 3.16
N GLU B 33 -3.76 -14.78 2.80
CA GLU B 33 -3.49 -16.03 2.13
C GLU B 33 -3.59 -17.25 3.08
N ALA B 35 -7.04 -17.87 5.36
CA ALA B 35 -8.29 -18.33 4.72
C ALA B 35 -8.19 -18.73 3.25
N LEU B 36 -7.62 -17.88 2.39
CA LEU B 36 -7.64 -18.14 0.95
C LEU B 36 -6.86 -19.41 0.60
N GLU B 38 -6.77 -22.26 3.77
CA GLU B 38 -7.89 -23.11 4.25
C GLU B 38 -8.90 -23.46 3.16
N LEU B 39 -9.42 -22.44 2.47
CA LEU B 39 -10.44 -22.62 1.43
C LEU B 39 -9.85 -23.10 0.11
N THR C 3 8.01 24.35 2.03
CA THR C 3 7.86 23.29 1.04
C THR C 3 8.41 21.92 1.37
N TRP C 4 9.54 21.88 2.07
CA TRP C 4 10.16 20.60 2.41
C TRP C 4 9.39 19.92 3.53
N GLU C 5 9.17 20.65 4.62
CA GLU C 5 8.41 20.14 5.77
C GLU C 5 6.97 19.79 5.43
N TRP C 7 6.18 18.58 1.70
CA TRP C 7 6.45 17.19 1.27
C TRP C 7 6.51 16.17 2.40
N ASP C 8 7.27 16.42 3.44
CA ASP C 8 7.43 15.39 4.43
C ASP C 8 6.07 15.07 5.05
N ALA C 10 2.75 15.58 2.89
CA ALA C 10 2.33 14.65 1.82
C ALA C 10 2.70 13.23 1.99
N ILE C 11 3.94 12.96 2.38
CA ILE C 11 4.39 11.59 2.45
C ILE C 11 3.72 10.86 3.62
N ALA C 12 3.65 11.54 4.77
CA ALA C 12 2.99 11.02 5.98
C ALA C 12 1.48 10.84 5.80
N TYR C 14 0.24 9.95 2.05
CA TYR C 14 0.43 8.60 1.52
C TYR C 14 0.58 7.50 2.53
N ALA C 15 1.32 7.71 3.61
CA ALA C 15 1.53 6.60 4.54
C ALA C 15 0.20 6.24 5.26
N ARG C 17 -3.09 6.80 3.36
CA ARG C 17 -3.48 5.94 2.26
C ARG C 17 -3.08 4.48 2.33
N ILE C 18 -1.87 4.22 2.80
CA ILE C 18 -1.38 2.86 2.87
C ILE C 18 -1.90 2.16 4.14
N GLU C 19 -1.77 2.78 5.32
CA GLU C 19 -2.40 2.20 6.52
C GLU C 19 -3.91 2.00 6.38
N LEU C 21 -5.24 1.10 2.63
CA LEU C 21 -5.07 -0.23 2.02
C LEU C 21 -5.06 -1.38 3.01
N ILE C 22 -4.28 -1.24 4.07
CA ILE C 22 -4.06 -2.34 4.98
C ILE C 22 -5.33 -2.56 5.83
N ALA C 24 -8.78 -1.82 4.20
CA ALA C 24 -9.29 -2.68 3.15
C ALA C 24 -8.91 -4.15 3.19
N ALA C 25 -7.62 -4.44 3.45
CA ALA C 25 -7.16 -5.82 3.44
C ALA C 25 -7.64 -6.60 4.66
N GLN C 26 -7.61 -5.97 5.84
CA GLN C 26 -8.06 -6.60 7.06
C GLN C 26 -9.59 -6.76 7.11
N GLN C 28 -11.31 -7.49 3.73
CA GLN C 28 -11.16 -8.81 3.13
C GLN C 28 -10.92 -9.96 4.08
N GLN C 29 -9.92 -9.86 4.95
CA GLN C 29 -9.63 -10.96 5.84
C GLN C 29 -10.84 -11.34 6.72
N LYS C 31 -14.49 -10.57 5.53
CA LYS C 31 -15.11 -11.41 4.50
C LYS C 31 -14.64 -12.85 4.37
N ASN C 32 -13.32 -13.12 4.44
CA ASN C 32 -12.77 -14.46 4.26
C ASN C 32 -13.12 -15.39 5.43
N GLU C 33 -12.96 -14.88 6.64
CA GLU C 33 -13.22 -15.62 7.85
C GLU C 33 -14.71 -15.84 8.14
N ALA C 35 -16.99 -16.13 4.86
CA ALA C 35 -16.90 -17.35 4.03
C ALA C 35 -16.61 -18.65 4.75
N LEU C 36 -15.51 -18.69 5.49
CA LEU C 36 -15.04 -19.90 6.16
C LEU C 36 -16.04 -20.34 7.23
N GLU C 38 -19.92 -19.33 6.76
CA GLU C 38 -20.82 -19.99 5.82
C GLU C 38 -20.42 -21.44 5.43
N LEU C 39 -19.14 -21.80 5.50
CA LEU C 39 -18.73 -23.17 5.12
C LEU C 39 -18.95 -24.18 6.23
#